data_2WY4
#
_entry.id   2WY4
#
_cell.length_a   39.550
_cell.length_b   37.980
_cell.length_c   43.760
_cell.angle_alpha   90.00
_cell.angle_beta   102.68
_cell.angle_gamma   90.00
#
_symmetry.space_group_name_H-M   'P 1 21 1'
#
loop_
_entity.id
_entity.type
_entity.pdbx_description
1 polymer 'SINGLE DOMAIN HAEMOGLOBIN'
2 non-polymer 'PROTOPORPHYRIN IX CONTAINING FE'
3 non-polymer 'CYANIDE ION'
4 water water
#
_entity_poly.entity_id   1
_entity_poly.type   'polypeptide(L)'
_entity_poly.pdbx_seq_one_letter_code
;MTKEQIQIIKDCVPILQKNGEDLTNEFYKIMFNDYPEVKPMFNMEKQISGEQPKALAMAILMAAKNIENLENMRSFVDKV
AITHVNLGVKEEHYPIVGACLLKAIKNLLNPDEATLKAWEVAYGKIAKFYIDIEKKLYDK
;
_entity_poly.pdbx_strand_id   A
#
# COMPACT_ATOMS: atom_id res chain seq x y z
N THR A 2 5.99 20.38 1.15
CA THR A 2 7.03 19.31 1.31
C THR A 2 7.15 18.84 2.77
N LYS A 3 7.45 19.75 3.70
CA LYS A 3 7.55 19.46 5.14
C LYS A 3 6.23 19.18 5.86
N GLU A 4 5.20 19.97 5.55
CA GLU A 4 3.89 19.75 6.16
C GLU A 4 3.35 18.37 5.74
N GLN A 5 3.49 18.03 4.47
CA GLN A 5 3.05 16.73 3.96
C GLN A 5 3.80 15.55 4.60
N ILE A 6 5.10 15.70 4.80
CA ILE A 6 5.88 14.66 5.46
C ILE A 6 5.32 14.43 6.86
N GLN A 7 5.09 15.51 7.58
CA GLN A 7 4.61 15.40 8.94
C GLN A 7 3.23 14.75 9.00
N ILE A 8 2.35 15.07 8.06
CA ILE A 8 1.04 14.44 8.01
C ILE A 8 1.21 12.93 7.87
N ILE A 9 2.08 12.50 6.95
CA ILE A 9 2.29 11.06 6.81
C ILE A 9 2.81 10.46 8.12
N LYS A 10 3.79 11.09 8.77
CA LYS A 10 4.27 10.60 10.06
C LYS A 10 3.14 10.55 11.10
N ASP A 11 2.27 11.54 11.11
CA ASP A 11 1.18 11.63 12.05
C ASP A 11 0.24 10.44 11.88
N CYS A 12 0.23 9.89 10.69
CA CYS A 12 -0.63 8.76 10.38
C CYS A 12 -0.07 7.42 10.83
N VAL A 13 1.24 7.36 11.14
CA VAL A 13 1.81 6.12 11.65
C VAL A 13 1.01 5.52 12.84
N PRO A 14 0.78 6.28 13.89
CA PRO A 14 0.00 5.75 15.01
C PRO A 14 -1.40 5.29 14.63
N ILE A 15 -2.02 5.99 13.68
CA ILE A 15 -3.35 5.63 13.27
C ILE A 15 -3.34 4.26 12.63
N LEU A 16 -2.31 4.02 11.84
CA LEU A 16 -2.12 2.75 11.19
C LEU A 16 -1.67 1.66 12.18
N GLN A 17 -0.89 2.05 13.19
CA GLN A 17 -0.52 1.09 14.23
C GLN A 17 -1.78 0.58 14.93
N LYS A 18 -2.75 1.46 15.13
CA LYS A 18 -3.92 1.13 15.90
C LYS A 18 -5.02 0.47 15.09
N ASN A 19 -5.21 0.92 13.85
CA ASN A 19 -6.32 0.39 13.06
C ASN A 19 -5.93 0.06 11.64
N GLY A 20 -4.65 -0.15 11.40
CA GLY A 20 -4.20 -0.43 10.06
C GLY A 20 -4.86 -1.63 9.43
N GLU A 21 -5.08 -2.69 10.20
CA GLU A 21 -5.74 -3.87 9.69
C GLU A 21 -7.16 -3.57 9.28
N ASP A 22 -7.81 -2.67 10.00
CA ASP A 22 -9.15 -2.29 9.63
C ASP A 22 -9.14 -1.53 8.28
N LEU A 23 -8.14 -0.68 8.10
CA LEU A 23 -7.98 0.03 6.83
C LEU A 23 -7.75 -0.98 5.70
N THR A 24 -6.88 -1.97 5.92
CA THR A 24 -6.61 -2.87 4.83
C THR A 24 -7.74 -3.85 4.60
N ASN A 25 -8.47 -4.21 5.63
CA ASN A 25 -9.68 -5.00 5.41
C ASN A 25 -10.59 -4.25 4.46
N GLU A 26 -10.76 -2.94 4.66
CA GLU A 26 -11.60 -2.11 3.79
C GLU A 26 -11.02 -2.02 2.37
N PHE A 27 -9.70 -1.87 2.27
CA PHE A 27 -9.03 -1.87 0.98
C PHE A 27 -9.32 -3.15 0.20
N TYR A 28 -9.16 -4.34 0.82
CA TYR A 28 -9.42 -5.56 0.07
C TYR A 28 -10.89 -5.74 -0.28
N LYS A 29 -11.79 -5.30 0.59
CA LYS A 29 -13.22 -5.31 0.26
C LYS A 29 -13.48 -4.50 -1.02
N ILE A 30 -12.97 -3.28 -1.05
CA ILE A 30 -13.15 -2.40 -2.20
C ILE A 30 -12.52 -3.00 -3.45
N MET A 31 -11.27 -3.44 -3.33
CA MET A 31 -10.58 -3.93 -4.48
C MET A 31 -11.21 -5.19 -5.06
N PHE A 32 -11.57 -6.15 -4.20
CA PHE A 32 -12.17 -7.38 -4.68
C PHE A 32 -13.55 -7.14 -5.28
N ASN A 33 -14.25 -6.14 -4.77
CA ASN A 33 -15.57 -5.79 -5.32
C ASN A 33 -15.49 -5.08 -6.64
N ASP A 34 -14.56 -4.13 -6.78
CA ASP A 34 -14.47 -3.27 -7.96
C ASP A 34 -13.61 -3.88 -9.04
N TYR A 35 -12.65 -4.72 -8.62
CA TYR A 35 -11.67 -5.34 -9.51
C TYR A 35 -11.57 -6.84 -9.22
N PRO A 36 -12.68 -7.54 -9.37
CA PRO A 36 -12.72 -8.95 -9.01
C PRO A 36 -11.68 -9.79 -9.76
N GLU A 37 -11.26 -9.31 -10.92
CA GLU A 37 -10.28 -10.01 -11.72
C GLU A 37 -8.96 -10.20 -10.99
N VAL A 38 -8.64 -9.35 -10.02
CA VAL A 38 -7.38 -9.52 -9.30
C VAL A 38 -7.50 -10.51 -8.14
N LYS A 39 -8.73 -10.83 -7.70
CA LYS A 39 -8.88 -11.66 -6.51
C LYS A 39 -8.11 -12.98 -6.54
N PRO A 40 -8.18 -13.75 -7.63
CA PRO A 40 -7.47 -15.05 -7.65
C PRO A 40 -5.95 -14.98 -7.50
N MET A 41 -5.37 -13.80 -7.66
CA MET A 41 -3.95 -13.62 -7.44
C MET A 41 -3.62 -13.83 -5.94
N PHE A 42 -4.57 -13.51 -5.09
CA PHE A 42 -4.40 -13.56 -3.65
C PHE A 42 -4.88 -14.89 -3.08
N ASN A 43 -4.29 -15.26 -1.96
CA ASN A 43 -4.71 -16.45 -1.25
C ASN A 43 -5.82 -16.09 -0.27
N MET A 44 -7.03 -16.59 -0.50
CA MET A 44 -8.11 -16.23 0.41
C MET A 44 -7.94 -16.71 1.84
N GLU A 45 -7.20 -17.81 2.03
CA GLU A 45 -6.94 -18.28 3.39
C GLU A 45 -6.21 -17.19 4.15
N LYS A 46 -5.32 -16.49 3.44
CA LYS A 46 -4.51 -15.43 4.07
C LYS A 46 -5.35 -14.17 4.33
N GLN A 47 -6.50 -14.06 3.65
CA GLN A 47 -7.40 -12.96 3.90
C GLN A 47 -8.21 -13.30 5.15
N ILE A 48 -8.75 -14.52 5.18
CA ILE A 48 -9.58 -14.93 6.29
C ILE A 48 -8.84 -14.94 7.64
N SER A 49 -7.57 -15.32 7.62
CA SER A 49 -6.79 -15.41 8.86
C SER A 49 -6.37 -14.04 9.35
N GLY A 50 -6.48 -13.02 8.48
CA GLY A 50 -6.01 -11.68 8.81
C GLY A 50 -4.56 -11.45 8.49
N GLU A 51 -3.87 -12.51 8.04
CA GLU A 51 -2.43 -12.40 7.79
C GLU A 51 -2.09 -11.41 6.69
N GLN A 52 -2.79 -11.47 5.57
CA GLN A 52 -2.47 -10.52 4.49
C GLN A 52 -2.90 -9.08 4.80
N PRO A 53 -4.09 -8.87 5.33
CA PRO A 53 -4.41 -7.52 5.82
C PRO A 53 -3.37 -6.97 6.76
N LYS A 54 -2.85 -7.78 7.67
CA LYS A 54 -1.84 -7.28 8.58
C LYS A 54 -0.53 -7.00 7.83
N ALA A 55 -0.19 -7.87 6.88
CA ALA A 55 1.03 -7.70 6.15
C ALA A 55 1.02 -6.39 5.36
N LEU A 56 -0.10 -6.09 4.69
CA LEU A 56 -0.21 -4.86 3.92
C LEU A 56 -0.13 -3.67 4.83
N ALA A 57 -0.84 -3.72 5.95
CA ALA A 57 -0.81 -2.62 6.88
C ALA A 57 0.62 -2.34 7.34
N MET A 58 1.36 -3.41 7.62
CA MET A 58 2.72 -3.27 8.05
C MET A 58 3.65 -2.72 6.97
N ALA A 59 3.37 -3.07 5.73
CA ALA A 59 4.13 -2.50 4.63
C ALA A 59 3.82 -1.01 4.44
N ILE A 60 2.55 -0.62 4.62
CA ILE A 60 2.20 0.79 4.55
C ILE A 60 2.90 1.53 5.68
N LEU A 61 2.87 0.96 6.88
CA LEU A 61 3.60 1.57 7.99
C LEU A 61 5.06 1.74 7.66
N MET A 62 5.66 0.71 7.07
CA MET A 62 7.06 0.76 6.70
C MET A 62 7.33 1.92 5.76
N ALA A 63 6.41 2.12 4.81
CA ALA A 63 6.60 3.20 3.84
C ALA A 63 6.41 4.58 4.52
N ALA A 64 5.37 4.70 5.34
CA ALA A 64 5.12 5.97 6.02
C ALA A 64 6.31 6.35 6.92
N LYS A 65 6.86 5.37 7.64
CA LYS A 65 8.04 5.63 8.46
C LYS A 65 9.22 6.11 7.67
N ASN A 66 9.34 5.65 6.43
CA ASN A 66 10.47 5.99 5.59
C ASN A 66 10.12 6.92 4.44
N ILE A 67 9.03 7.65 4.60
CA ILE A 67 8.56 8.44 3.45
C ILE A 67 9.54 9.50 2.92
N GLU A 68 10.41 10.02 3.79
CA GLU A 68 11.43 10.99 3.37
C GLU A 68 12.58 10.34 2.61
N ASN A 69 12.76 9.03 2.78
CA ASN A 69 13.83 8.33 2.09
C ASN A 69 13.48 6.86 1.95
N LEU A 70 12.81 6.53 0.85
CA LEU A 70 12.31 5.18 0.65
C LEU A 70 13.43 4.15 0.49
N GLU A 71 14.66 4.60 0.23
CA GLU A 71 15.79 3.68 0.17
C GLU A 71 15.95 2.92 1.47
N ASN A 72 15.52 3.51 2.59
CA ASN A 72 15.64 2.86 3.91
C ASN A 72 14.64 1.78 4.12
N MET A 73 13.87 1.44 3.08
CA MET A 73 13.05 0.23 3.14
C MET A 73 13.38 -0.72 2.00
N ARG A 74 14.54 -0.51 1.37
CA ARG A 74 14.91 -1.34 0.23
C ARG A 74 14.97 -2.84 0.57
N SER A 75 15.65 -3.19 1.66
CA SER A 75 15.76 -4.63 1.97
C SER A 75 14.39 -5.26 2.25
N PHE A 76 13.40 -4.45 2.63
CA PHE A 76 12.05 -4.94 2.86
C PHE A 76 11.34 -5.14 1.51
N VAL A 77 11.36 -4.09 0.71
CA VAL A 77 10.64 -4.12 -0.54
C VAL A 77 11.18 -5.15 -1.50
N ASP A 78 12.49 -5.34 -1.48
CA ASP A 78 13.14 -6.38 -2.28
C ASP A 78 12.50 -7.72 -2.14
N LYS A 79 12.07 -8.00 -0.92
CA LYS A 79 11.47 -9.29 -0.63
C LYS A 79 10.02 -9.35 -1.06
N VAL A 80 9.28 -8.25 -0.85
CA VAL A 80 7.90 -8.22 -1.29
C VAL A 80 7.86 -8.35 -2.83
N ALA A 81 8.82 -7.71 -3.51
CA ALA A 81 8.89 -7.77 -4.97
C ALA A 81 8.88 -9.19 -5.51
N ILE A 82 9.46 -10.15 -4.76
CA ILE A 82 9.50 -11.50 -5.24
C ILE A 82 8.08 -12.06 -5.35
N THR A 83 7.27 -11.77 -4.35
CA THR A 83 5.89 -12.23 -4.38
C THR A 83 5.13 -11.60 -5.53
N HIS A 84 5.28 -10.29 -5.64
CA HIS A 84 4.57 -9.55 -6.68
C HIS A 84 4.96 -10.03 -8.09
N VAL A 85 6.26 -10.11 -8.37
CA VAL A 85 6.68 -10.57 -9.70
C VAL A 85 6.21 -12.00 -9.95
N ASN A 86 6.38 -12.90 -8.98
CA ASN A 86 5.92 -14.26 -9.16
C ASN A 86 4.41 -14.38 -9.46
N LEU A 87 3.62 -13.45 -8.94
CA LEU A 87 2.18 -13.49 -9.15
C LEU A 87 1.68 -12.63 -10.32
N GLY A 88 2.61 -12.02 -11.03
CA GLY A 88 2.27 -11.23 -12.22
C GLY A 88 1.71 -9.87 -11.93
N VAL A 89 2.12 -9.26 -10.82
CA VAL A 89 1.77 -7.89 -10.54
C VAL A 89 2.50 -7.02 -11.54
N LYS A 90 1.76 -6.18 -12.25
CA LYS A 90 2.33 -5.29 -13.25
C LYS A 90 2.26 -3.84 -12.84
N GLU A 91 3.05 -3.01 -13.51
CA GLU A 91 3.02 -1.59 -13.28
C GLU A 91 1.59 -1.08 -13.32
N GLU A 92 0.81 -1.58 -14.27
CA GLU A 92 -0.55 -1.11 -14.45
C GLU A 92 -1.53 -1.49 -13.36
N HIS A 93 -1.12 -2.38 -12.45
CA HIS A 93 -2.02 -2.69 -11.31
C HIS A 93 -1.88 -1.66 -10.21
N TYR A 94 -0.76 -0.96 -10.17
CA TYR A 94 -0.53 0.00 -9.09
C TYR A 94 -1.58 1.13 -9.03
N PRO A 95 -2.05 1.71 -10.16
CA PRO A 95 -3.14 2.68 -10.06
C PRO A 95 -4.46 2.09 -9.48
N ILE A 96 -4.69 0.79 -9.66
CA ILE A 96 -5.86 0.15 -9.09
C ILE A 96 -5.75 0.14 -7.57
N VAL A 97 -4.61 -0.35 -7.10
CA VAL A 97 -4.34 -0.35 -5.67
C VAL A 97 -4.43 1.05 -5.08
N GLY A 98 -3.87 2.04 -5.77
CA GLY A 98 -3.93 3.39 -5.24
C GLY A 98 -5.37 3.90 -5.12
N ALA A 99 -6.18 3.66 -6.15
CA ALA A 99 -7.55 4.12 -6.09
C ALA A 99 -8.30 3.45 -4.93
N CYS A 100 -8.08 2.15 -4.74
CA CYS A 100 -8.80 1.45 -3.70
C CYS A 100 -8.26 1.83 -2.31
N LEU A 101 -6.96 2.02 -2.19
CA LEU A 101 -6.40 2.44 -0.92
C LEU A 101 -6.87 3.84 -0.53
N LEU A 102 -6.84 4.78 -1.46
CA LEU A 102 -7.30 6.12 -1.15
C LEU A 102 -8.78 6.14 -0.77
N LYS A 103 -9.58 5.31 -1.42
CA LYS A 103 -10.97 5.22 -1.06
C LYS A 103 -11.15 4.64 0.35
N ALA A 104 -10.36 3.62 0.68
CA ALA A 104 -10.41 3.01 2.00
C ALA A 104 -10.08 4.06 3.06
N ILE A 105 -9.08 4.89 2.75
CA ILE A 105 -8.66 5.94 3.66
C ILE A 105 -9.79 6.96 3.87
N LYS A 106 -10.38 7.38 2.79
CA LYS A 106 -11.51 8.30 2.86
C LYS A 106 -12.63 7.69 3.70
N ASN A 107 -12.94 6.42 3.46
CA ASN A 107 -14.04 5.75 4.17
C ASN A 107 -13.82 5.61 5.66
N LEU A 108 -12.61 5.17 6.03
CA LEU A 108 -12.39 4.86 7.44
C LEU A 108 -11.78 5.97 8.25
N LEU A 109 -10.85 6.74 7.67
CA LEU A 109 -10.19 7.80 8.43
C LEU A 109 -10.93 9.11 8.35
N ASN A 110 -11.76 9.25 7.31
CA ASN A 110 -12.50 10.47 7.04
C ASN A 110 -11.61 11.70 7.27
N PRO A 111 -10.48 11.72 6.57
CA PRO A 111 -9.49 12.78 6.75
C PRO A 111 -9.85 14.10 6.07
N ASP A 112 -9.07 15.12 6.40
CA ASP A 112 -9.22 16.41 5.73
C ASP A 112 -8.54 16.34 4.37
N GLU A 113 -8.70 17.38 3.56
CA GLU A 113 -8.19 17.34 2.22
C GLU A 113 -6.69 17.33 2.22
N ALA A 114 -6.05 18.03 3.15
CA ALA A 114 -4.61 18.03 3.21
C ALA A 114 -4.09 16.62 3.43
N THR A 115 -4.77 15.87 4.28
CA THR A 115 -4.33 14.49 4.57
C THR A 115 -4.54 13.60 3.36
N LEU A 116 -5.69 13.73 2.73
CA LEU A 116 -5.94 12.97 1.51
C LEU A 116 -4.88 13.26 0.45
N LYS A 117 -4.61 14.55 0.22
CA LYS A 117 -3.59 14.97 -0.74
C LYS A 117 -2.22 14.38 -0.40
N ALA A 118 -1.91 14.39 0.90
CA ALA A 118 -0.62 13.90 1.31
C ALA A 118 -0.52 12.41 0.99
N TRP A 119 -1.60 11.65 1.18
CA TRP A 119 -1.57 10.21 0.87
C TRP A 119 -1.56 9.94 -0.63
N GLU A 120 -2.22 10.81 -1.39
CA GLU A 120 -2.21 10.66 -2.84
C GLU A 120 -0.76 10.80 -3.34
N VAL A 121 -0.09 11.83 -2.85
CA VAL A 121 1.30 12.06 -3.22
C VAL A 121 2.24 10.94 -2.73
N ALA A 122 2.10 10.55 -1.47
CA ALA A 122 2.93 9.51 -0.91
C ALA A 122 2.74 8.22 -1.67
N TYR A 123 1.49 7.86 -1.94
CA TYR A 123 1.26 6.62 -2.65
C TYR A 123 1.97 6.61 -4.01
N GLY A 124 1.90 7.73 -4.73
CA GLY A 124 2.59 7.75 -5.99
C GLY A 124 4.05 7.43 -5.83
N LYS A 125 4.67 7.98 -4.79
CA LYS A 125 6.08 7.75 -4.57
C LYS A 125 6.40 6.32 -4.14
N ILE A 126 5.56 5.75 -3.29
CA ILE A 126 5.74 4.40 -2.78
C ILE A 126 5.56 3.42 -3.92
N ALA A 127 4.53 3.65 -4.73
CA ALA A 127 4.29 2.80 -5.87
C ALA A 127 5.47 2.80 -6.81
N LYS A 128 6.02 3.98 -7.10
CA LYS A 128 7.15 4.07 -7.99
C LYS A 128 8.34 3.26 -7.47
N PHE A 129 8.58 3.33 -6.16
CA PHE A 129 9.66 2.55 -5.57
C PHE A 129 9.49 1.05 -5.78
N TYR A 130 8.28 0.53 -5.57
CA TYR A 130 8.00 -0.88 -5.80
C TYR A 130 8.10 -1.23 -7.29
N ILE A 131 7.47 -0.40 -8.13
CA ILE A 131 7.47 -0.64 -9.59
C ILE A 131 8.89 -0.74 -10.13
N ASP A 132 9.76 0.16 -9.71
CA ASP A 132 11.11 0.19 -10.26
C ASP A 132 11.91 -1.04 -9.89
N ILE A 133 11.76 -1.50 -8.65
CA ILE A 133 12.43 -2.71 -8.19
C ILE A 133 11.90 -3.93 -8.95
N GLU A 134 10.58 -4.00 -9.09
CA GLU A 134 9.93 -5.09 -9.79
C GLU A 134 10.26 -5.09 -11.29
N LYS A 135 10.36 -3.91 -11.89
CA LYS A 135 10.71 -3.82 -13.30
C LYS A 135 12.07 -4.47 -13.52
N LYS A 136 13.02 -4.19 -12.63
CA LYS A 136 14.33 -4.83 -12.72
C LYS A 136 14.19 -6.33 -12.62
N LEU A 137 13.35 -6.83 -11.71
CA LEU A 137 13.18 -8.27 -11.61
C LEU A 137 12.64 -8.88 -12.87
N TYR A 138 11.66 -8.22 -13.47
CA TYR A 138 11.09 -8.72 -14.69
C TYR A 138 12.11 -8.70 -15.84
N ASP A 139 12.98 -7.69 -15.85
CA ASP A 139 13.92 -7.53 -16.96
C ASP A 139 15.33 -8.04 -16.66
N LYS A 140 15.65 -8.32 -15.40
CA LYS A 140 17.02 -8.70 -15.07
C LYS A 140 17.16 -10.22 -15.04
#